data_5BTM
#
_entry.id   5BTM
#
_cell.length_a   63.120
_cell.length_b   63.120
_cell.length_c   72.950
_cell.angle_alpha   90.00
_cell.angle_beta   90.00
_cell.angle_gamma   90.00
#
_symmetry.space_group_name_H-M   'P 41'
#
loop_
_entity.id
_entity.type
_entity.pdbx_description
1 polymer 'RNA (55-mer)'
2 non-polymer 'MAGNESIUM ION'
3 non-polymer 'SODIUM ION'
4 water water
#
_entity_poly.entity_id   1
_entity_poly.type   'polyribonucleotide'
_entity_poly.pdbx_seq_one_letter_code
;GUCAUUCUAUUCUAUCGGCUAAGGAUGAAAGUCUAUGCCGAUUCUAUUCUAUGGC
;
_entity_poly.pdbx_strand_id   A,B
#
loop_
_chem_comp.id
_chem_comp.type
_chem_comp.name
_chem_comp.formula
A RNA linking ADENOSINE-5'-MONOPHOSPHATE 'C10 H14 N5 O7 P'
C RNA linking CYTIDINE-5'-MONOPHOSPHATE 'C9 H14 N3 O8 P'
G RNA linking GUANOSINE-5'-MONOPHOSPHATE 'C10 H14 N5 O8 P'
MG non-polymer 'MAGNESIUM ION' 'Mg 2'
NA non-polymer 'SODIUM ION' 'Na 1'
U RNA linking URIDINE-5'-MONOPHOSPHATE 'C9 H13 N2 O9 P'
#
# COMPACT_ATOMS: atom_id res chain seq x y z
MG MG C . -29.43 2.88 6.53
NA NA D . -23.91 1.64 4.18
MG MG E . 3.56 -4.47 -0.64
MG MG F . 27.44 1.26 -6.04
NA NA G . 22.33 -1.32 -4.02
#